data_4JMS
#
_entry.id   4JMS
#
_cell.length_a   106.120
_cell.length_b   75.070
_cell.length_c   51.170
_cell.angle_alpha   90.000
_cell.angle_beta   90.000
_cell.angle_gamma   90.000
#
_symmetry.space_group_name_H-M   'P 21 21 21'
#
loop_
_entity.id
_entity.type
_entity.pdbx_description
1 polymer 'Cytochrome c peroxidase'
2 non-polymer 'PROTOPORPHYRIN IX CONTAINING FE'
3 non-polymer imidazo[1,2-a]pyridin-5-amine
4 water water
#
_entity_poly.entity_id   1
_entity_poly.type   'polypeptide(L)'
_entity_poly.pdbx_seq_one_letter_code
;LVHVASVEKGRSYEDFQKVYNAIALKLREDDEYDNYIGYGPVLVRLAWHISGTWDKHDNTGGSYGGTYRFKKEFNDPSNA
GLQNGFKFLEPIHKEFPWISSGDLFSLGGVTAVQEMQGPKIPWRCGRVDTPEDTTPDNGRLPDADKDAGYVRTFFQRLNM
NDREVVALMGAHALGKTHLKNSGYEGGGANNVFTNEFYLNLLNEDWKLEKNDANNEQWDSKSGYMMLPTDYSLIQDPKYL
SIVKEYANDQDKFFKDFSKAFEKLLENGITFPKDAPSPFIFKTLEEQGL
;
_entity_poly.pdbx_strand_id   A
#
loop_
_chem_comp.id
_chem_comp.type
_chem_comp.name
_chem_comp.formula
1LX non-polymer imidazo[1,2-a]pyridin-5-amine 'C7 H7 N3'
HEM non-polymer 'PROTOPORPHYRIN IX CONTAINING FE' 'C34 H32 Fe N4 O4'
#
# COMPACT_ATOMS: atom_id res chain seq x y z
N LEU A 1 0.97 19.58 16.04
CA LEU A 1 0.00 18.44 16.09
C LEU A 1 0.72 17.18 16.53
N VAL A 2 0.43 16.67 17.72
CA VAL A 2 1.00 15.39 18.16
C VAL A 2 -0.14 14.38 18.21
N HIS A 3 0.09 13.20 17.64
CA HIS A 3 -0.96 12.15 17.60
C HIS A 3 -0.45 11.01 18.36
N VAL A 4 -0.95 10.81 19.58
CA VAL A 4 -0.40 9.84 20.42
C VAL A 4 -1.20 8.52 20.29
N ALA A 5 -0.48 7.42 20.07
CA ALA A 5 -1.12 6.10 19.89
C ALA A 5 -1.78 5.74 21.22
N SER A 6 -2.98 5.20 21.15
CA SER A 6 -3.76 4.80 22.32
C SER A 6 -4.42 3.46 22.01
N VAL A 7 -3.99 2.44 22.72
CA VAL A 7 -4.38 1.06 22.50
C VAL A 7 -5.88 0.96 22.75
N GLU A 8 -6.59 0.34 21.82
CA GLU A 8 -8.03 0.11 21.97
C GLU A 8 -8.25 -0.60 23.29
N LYS A 9 -9.19 -0.08 24.10
CA LYS A 9 -9.20 -0.43 25.49
C LYS A 9 -9.23 -1.93 25.75
N GLY A 10 -8.24 -2.37 26.51
CA GLY A 10 -8.06 -3.76 26.96
C GLY A 10 -7.59 -4.78 25.90
N ARG A 11 -7.31 -4.30 24.70
CA ARG A 11 -6.99 -5.19 23.56
C ARG A 11 -5.50 -5.53 23.56
N SER A 12 -5.19 -6.72 23.08
CA SER A 12 -3.84 -7.24 23.00
C SER A 12 -3.65 -7.99 21.68
N TYR A 13 -2.46 -8.53 21.51
CA TYR A 13 -2.11 -9.25 20.28
C TYR A 13 -3.19 -10.17 19.76
N GLU A 14 -3.75 -10.98 20.63
N GLU A 14 -3.76 -10.99 20.65
CA GLU A 14 -4.71 -11.98 20.21
CA GLU A 14 -4.81 -11.98 20.27
C GLU A 14 -5.96 -11.36 19.58
C GLU A 14 -5.96 -11.32 19.55
N ASP A 15 -6.41 -10.19 20.08
CA ASP A 15 -7.50 -9.42 19.47
C ASP A 15 -7.18 -9.05 18.01
N PHE A 16 -5.99 -8.51 17.80
CA PHE A 16 -5.61 -8.09 16.47
C PHE A 16 -5.32 -9.28 15.54
N GLN A 17 -4.83 -10.40 16.07
CA GLN A 17 -4.65 -11.61 15.28
C GLN A 17 -6.03 -12.04 14.78
N LYS A 18 -7.07 -11.95 15.64
CA LYS A 18 -8.39 -12.31 15.17
C LYS A 18 -8.88 -11.45 14.01
N VAL A 19 -8.60 -10.15 14.07
CA VAL A 19 -8.96 -9.24 13.02
C VAL A 19 -8.21 -9.57 11.72
N TYR A 20 -6.92 -9.80 11.88
CA TYR A 20 -6.02 -10.24 10.80
C TYR A 20 -6.66 -11.49 10.17
N ASN A 21 -7.05 -12.44 11.01
CA ASN A 21 -7.58 -13.68 10.50
C ASN A 21 -8.83 -13.47 9.72
N ALA A 22 -9.72 -12.64 10.22
CA ALA A 22 -10.94 -12.37 9.52
C ALA A 22 -10.74 -11.75 8.15
N ILE A 23 -9.82 -10.79 8.09
CA ILE A 23 -9.45 -10.20 6.79
C ILE A 23 -8.86 -11.26 5.86
N ALA A 24 -7.93 -12.08 6.38
CA ALA A 24 -7.25 -13.15 5.63
C ALA A 24 -8.25 -14.19 5.13
N LEU A 25 -9.17 -14.58 5.98
CA LEU A 25 -10.21 -15.54 5.53
C LEU A 25 -11.13 -14.99 4.42
N LYS A 26 -11.47 -13.72 4.52
CA LYS A 26 -12.29 -13.04 3.50
C LYS A 26 -11.50 -12.88 2.21
N LEU A 27 -10.19 -12.62 2.33
CA LEU A 27 -9.30 -12.60 1.15
C LEU A 27 -9.34 -13.92 0.40
N ARG A 28 -9.33 -15.02 1.14
CA ARG A 28 -9.39 -16.34 0.52
C ARG A 28 -10.80 -16.58 -0.06
N GLU A 29 -11.84 -16.12 0.63
CA GLU A 29 -13.22 -16.43 0.25
C GLU A 29 -13.66 -15.65 -1.01
N ASP A 30 -13.44 -14.34 -1.01
CA ASP A 30 -13.89 -13.45 -2.05
C ASP A 30 -12.87 -13.38 -3.17
N ASP A 31 -12.66 -14.52 -3.81
CA ASP A 31 -11.54 -14.68 -4.71
C ASP A 31 -11.81 -14.25 -6.15
N GLU A 32 -13.04 -13.90 -6.46
CA GLU A 32 -13.44 -13.55 -7.83
C GLU A 32 -13.12 -12.13 -8.19
N TYR A 33 -12.98 -11.28 -7.19
CA TYR A 33 -12.82 -9.86 -7.41
C TYR A 33 -11.74 -9.53 -8.43
N ASP A 34 -12.08 -8.63 -9.36
CA ASP A 34 -11.10 -8.08 -10.34
C ASP A 34 -10.45 -9.19 -11.14
N ASN A 35 -11.31 -10.00 -11.78
CA ASN A 35 -10.83 -11.09 -12.66
CA ASN A 35 -10.88 -11.12 -12.62
C ASN A 35 -9.91 -12.07 -11.93
N TYR A 36 -10.30 -12.45 -10.72
CA TYR A 36 -9.64 -13.40 -9.87
C TYR A 36 -8.30 -12.93 -9.31
N ILE A 37 -8.06 -11.64 -9.36
CA ILE A 37 -6.92 -11.08 -8.61
C ILE A 37 -7.18 -11.22 -7.12
N GLY A 38 -8.43 -11.02 -6.73
CA GLY A 38 -8.79 -10.94 -5.33
C GLY A 38 -8.43 -9.58 -4.75
N TYR A 39 -8.73 -9.40 -3.46
CA TYR A 39 -8.69 -8.05 -2.88
C TYR A 39 -7.30 -7.69 -2.35
N GLY A 40 -6.31 -8.57 -2.47
CA GLY A 40 -4.99 -8.29 -1.84
C GLY A 40 -4.36 -6.98 -2.29
N PRO A 41 -4.23 -6.82 -3.60
CA PRO A 41 -3.63 -5.59 -4.13
C PRO A 41 -4.38 -4.31 -3.75
N VAL A 42 -5.71 -4.28 -3.87
CA VAL A 42 -6.40 -3.05 -3.53
C VAL A 42 -6.32 -2.72 -2.02
N LEU A 43 -6.20 -3.73 -1.17
CA LEU A 43 -6.00 -3.46 0.23
C LEU A 43 -4.61 -2.87 0.56
N VAL A 44 -3.61 -3.32 -0.17
CA VAL A 44 -2.28 -2.73 -0.03
C VAL A 44 -2.34 -1.27 -0.50
N ARG A 45 -2.95 -1.01 -1.64
CA ARG A 45 -3.05 0.35 -2.12
CA ARG A 45 -3.09 0.36 -2.17
C ARG A 45 -3.83 1.24 -1.16
N LEU A 46 -4.89 0.71 -0.60
CA LEU A 46 -5.67 1.45 0.39
C LEU A 46 -4.79 1.87 1.59
N ALA A 47 -4.04 0.93 2.15
CA ALA A 47 -3.21 1.23 3.27
C ALA A 47 -2.18 2.33 2.93
N TRP A 48 -1.61 2.23 1.74
CA TRP A 48 -0.69 3.26 1.28
C TRP A 48 -1.36 4.61 1.11
N HIS A 49 -2.53 4.64 0.47
CA HIS A 49 -3.23 5.92 0.24
C HIS A 49 -3.69 6.58 1.49
N ILE A 50 -4.07 5.81 2.51
CA ILE A 50 -4.47 6.44 3.75
C ILE A 50 -3.28 7.00 4.56
N SER A 51 -2.10 6.45 4.31
CA SER A 51 -0.87 6.85 4.97
C SER A 51 -0.19 7.95 4.19
N GLY A 52 -0.33 7.93 2.87
CA GLY A 52 0.46 8.74 1.97
C GLY A 52 0.04 10.20 1.84
N THR A 53 -1.05 10.56 2.54
CA THR A 53 -1.46 11.96 2.74
C THR A 53 -0.60 12.69 3.77
N TRP A 54 0.31 12.00 4.49
CA TRP A 54 1.06 12.61 5.56
C TRP A 54 1.94 13.73 5.05
N ASP A 55 2.10 14.77 5.86
CA ASP A 55 3.08 15.82 5.59
C ASP A 55 3.97 16.02 6.79
N LYS A 56 5.26 15.65 6.66
CA LYS A 56 6.22 15.74 7.74
C LYS A 56 6.34 17.17 8.29
N HIS A 57 5.97 18.17 7.52
CA HIS A 57 6.17 19.56 7.95
C HIS A 57 5.25 19.98 9.06
N ASP A 58 4.01 19.52 9.04
CA ASP A 58 3.01 19.96 10.01
C ASP A 58 2.27 18.78 10.64
N ASN A 59 2.67 17.55 10.28
CA ASN A 59 2.00 16.34 10.81
C ASN A 59 0.53 16.25 10.50
N THR A 60 0.13 16.83 9.39
CA THR A 60 -1.22 16.63 8.90
C THR A 60 -1.29 15.33 8.06
N GLY A 61 -2.49 14.83 7.84
CA GLY A 61 -2.68 13.59 7.08
C GLY A 61 -2.12 12.40 7.84
N GLY A 62 -1.85 11.34 7.12
CA GLY A 62 -1.32 10.16 7.72
C GLY A 62 -2.42 9.23 8.17
N SER A 63 -2.01 8.02 8.55
CA SER A 63 -2.95 6.94 8.87
C SER A 63 -3.69 7.16 10.18
N TYR A 64 -3.12 7.95 11.08
CA TYR A 64 -3.62 7.95 12.45
C TYR A 64 -5.14 8.17 12.55
N GLY A 65 -5.63 9.20 11.85
CA GLY A 65 -6.99 9.66 12.07
C GLY A 65 -8.10 8.87 11.43
N GLY A 66 -7.77 7.92 10.56
CA GLY A 66 -8.76 7.15 9.81
C GLY A 66 -9.65 7.99 8.93
N THR A 67 -9.10 9.09 8.40
CA THR A 67 -9.94 10.11 7.77
C THR A 67 -10.49 9.71 6.39
N TYR A 68 -10.00 8.60 5.83
CA TYR A 68 -10.53 8.09 4.55
C TYR A 68 -12.02 7.78 4.64
N ARG A 69 -12.51 7.59 5.84
CA ARG A 69 -13.95 7.33 6.03
C ARG A 69 -14.82 8.55 5.71
N PHE A 70 -14.23 9.73 5.64
CA PHE A 70 -14.97 10.95 5.33
C PHE A 70 -14.98 11.23 3.86
N LYS A 71 -16.10 11.81 3.38
CA LYS A 71 -16.30 11.96 1.95
C LYS A 71 -15.22 12.74 1.19
N LYS A 72 -14.63 13.77 1.77
CA LYS A 72 -13.63 14.53 1.05
C LYS A 72 -12.49 13.61 0.59
N GLU A 73 -12.04 12.76 1.51
CA GLU A 73 -10.94 11.83 1.23
C GLU A 73 -11.40 10.62 0.46
N PHE A 74 -12.55 10.05 0.84
N PHE A 74 -12.55 10.02 0.80
CA PHE A 74 -13.12 8.91 0.14
CA PHE A 74 -12.94 8.85 0.01
C PHE A 74 -13.26 9.22 -1.36
C PHE A 74 -13.28 9.20 -1.43
N ASN A 75 -13.64 10.46 -1.66
CA ASN A 75 -13.88 10.94 -3.03
C ASN A 75 -12.70 11.59 -3.74
N ASP A 76 -11.52 11.58 -3.14
CA ASP A 76 -10.32 12.07 -3.79
C ASP A 76 -10.21 11.31 -5.09
N PRO A 77 -10.09 12.03 -6.22
CA PRO A 77 -9.83 11.36 -7.49
C PRO A 77 -8.63 10.37 -7.44
N SER A 78 -7.60 10.70 -6.69
CA SER A 78 -6.44 9.79 -6.49
C SER A 78 -6.81 8.46 -5.86
N ASN A 79 -7.94 8.46 -5.13
CA ASN A 79 -8.44 7.27 -4.43
C ASN A 79 -9.49 6.45 -5.20
N ALA A 80 -9.70 6.76 -6.48
CA ALA A 80 -10.68 6.04 -7.24
C ALA A 80 -10.36 4.57 -7.30
N GLY A 81 -11.36 3.75 -6.99
CA GLY A 81 -11.20 2.27 -6.97
C GLY A 81 -11.01 1.77 -5.53
N LEU A 82 -10.55 2.60 -4.61
CA LEU A 82 -10.28 2.15 -3.23
C LEU A 82 -11.58 1.88 -2.48
N GLN A 83 -12.70 2.41 -2.99
N GLN A 83 -12.69 2.41 -2.99
CA GLN A 83 -14.01 2.07 -2.44
CA GLN A 83 -13.99 2.09 -2.42
C GLN A 83 -14.23 0.57 -2.38
C GLN A 83 -14.23 0.57 -2.38
N ASN A 84 -13.64 -0.18 -3.32
CA ASN A 84 -13.70 -1.62 -3.28
C ASN A 84 -13.02 -2.27 -2.03
N GLY A 85 -11.86 -1.70 -1.65
CA GLY A 85 -11.17 -2.05 -0.40
C GLY A 85 -11.99 -1.72 0.81
N PHE A 86 -12.57 -0.53 0.81
CA PHE A 86 -13.38 -0.08 1.93
C PHE A 86 -14.60 -0.99 2.10
N LYS A 87 -15.27 -1.32 1.00
CA LYS A 87 -16.39 -2.27 1.06
C LYS A 87 -16.02 -3.63 1.60
N PHE A 88 -14.86 -4.14 1.19
CA PHE A 88 -14.34 -5.42 1.66
C PHE A 88 -14.22 -5.37 3.18
N LEU A 89 -13.74 -4.27 3.69
CA LEU A 89 -13.40 -4.18 5.10
C LEU A 89 -14.65 -3.88 5.97
N GLU A 90 -15.73 -3.45 5.35
CA GLU A 90 -16.98 -3.14 6.10
C GLU A 90 -17.45 -4.29 6.98
N PRO A 91 -17.57 -5.52 6.46
CA PRO A 91 -18.04 -6.56 7.38
C PRO A 91 -17.03 -6.92 8.45
N ILE A 92 -15.75 -6.71 8.18
CA ILE A 92 -14.72 -6.90 9.20
C ILE A 92 -14.92 -5.87 10.30
N HIS A 93 -15.20 -4.63 9.91
CA HIS A 93 -15.37 -3.57 10.90
C HIS A 93 -16.66 -3.82 11.70
N LYS A 94 -17.67 -4.38 11.04
N LYS A 94 -17.67 -4.39 11.06
CA LYS A 94 -18.92 -4.76 11.74
CA LYS A 94 -18.89 -4.69 11.81
C LYS A 94 -18.66 -5.81 12.81
C LYS A 94 -18.66 -5.82 12.84
N GLU A 95 -17.83 -6.80 12.50
CA GLU A 95 -17.50 -7.86 13.43
C GLU A 95 -16.62 -7.36 14.56
N PHE A 96 -15.76 -6.40 14.29
CA PHE A 96 -14.80 -5.89 15.26
C PHE A 96 -14.92 -4.40 15.37
N PRO A 97 -16.04 -3.95 15.94
CA PRO A 97 -16.31 -2.53 15.87
C PRO A 97 -15.44 -1.67 16.77
N TRP A 98 -14.69 -2.30 17.65
CA TRP A 98 -13.75 -1.62 18.55
C TRP A 98 -12.47 -1.15 17.87
N ILE A 99 -12.16 -1.71 16.71
CA ILE A 99 -10.87 -1.28 16.07
C ILE A 99 -11.04 0.10 15.45
N SER A 100 -10.03 0.98 15.53
CA SER A 100 -10.14 2.27 14.91
C SER A 100 -10.04 2.12 13.39
N SER A 101 -10.49 3.12 12.65
CA SER A 101 -10.50 3.07 11.21
C SER A 101 -9.07 3.03 10.67
N GLY A 102 -8.18 3.86 11.23
CA GLY A 102 -6.78 3.78 10.79
C GLY A 102 -6.13 2.47 11.05
N ASP A 103 -6.43 1.87 12.19
CA ASP A 103 -5.82 0.60 12.51
C ASP A 103 -6.37 -0.42 11.53
N LEU A 104 -7.65 -0.38 11.24
CA LEU A 104 -8.22 -1.36 10.28
C LEU A 104 -7.63 -1.18 8.91
N PHE A 105 -7.60 0.04 8.40
CA PHE A 105 -7.13 0.21 7.02
C PHE A 105 -5.66 -0.23 6.92
N SER A 106 -4.84 0.15 7.88
CA SER A 106 -3.40 -0.18 7.87
C SER A 106 -3.23 -1.69 8.05
N LEU A 107 -3.98 -2.27 8.97
CA LEU A 107 -3.93 -3.71 9.18
C LEU A 107 -4.35 -4.50 7.96
N GLY A 108 -5.28 -3.95 7.19
CA GLY A 108 -5.69 -4.55 5.93
C GLY A 108 -4.52 -4.72 4.98
N GLY A 109 -3.68 -3.70 4.93
CA GLY A 109 -2.52 -3.74 4.05
C GLY A 109 -1.50 -4.74 4.52
N VAL A 110 -1.25 -4.76 5.82
CA VAL A 110 -0.32 -5.75 6.40
C VAL A 110 -0.79 -7.18 6.11
N THR A 111 -2.09 -7.42 6.31
CA THR A 111 -2.65 -8.75 6.15
C THR A 111 -2.52 -9.17 4.68
N ALA A 112 -2.87 -8.27 3.77
CA ALA A 112 -2.78 -8.53 2.35
C ALA A 112 -1.34 -8.90 1.96
N VAL A 113 -0.36 -8.08 2.31
CA VAL A 113 1.03 -8.38 1.98
C VAL A 113 1.40 -9.79 2.47
N GLN A 114 1.14 -10.08 3.74
CA GLN A 114 1.50 -11.36 4.28
C GLN A 114 0.80 -12.53 3.66
N GLU A 115 -0.50 -12.38 3.46
CA GLU A 115 -1.30 -13.48 2.90
C GLU A 115 -0.91 -13.74 1.45
N MET A 116 -0.47 -12.70 0.76
CA MET A 116 0.11 -12.86 -0.58
C MET A 116 1.56 -13.38 -0.59
N GLN A 117 2.03 -13.94 0.52
CA GLN A 117 3.34 -14.53 0.68
C GLN A 117 4.48 -13.51 0.69
N GLY A 118 4.15 -12.28 1.05
CA GLY A 118 5.15 -11.25 1.22
C GLY A 118 5.86 -11.34 2.53
N PRO A 119 6.68 -10.32 2.85
CA PRO A 119 7.40 -10.35 4.11
C PRO A 119 6.44 -10.11 5.28
N LYS A 120 6.83 -10.53 6.48
N LYS A 120 6.84 -10.53 6.48
CA LYS A 120 6.13 -10.12 7.66
CA LYS A 120 6.16 -10.09 7.68
C LYS A 120 6.33 -8.61 7.81
C LYS A 120 6.33 -8.58 7.78
N ILE A 121 5.24 -7.91 8.13
CA ILE A 121 5.24 -6.50 8.40
C ILE A 121 4.84 -6.28 9.87
N PRO A 122 5.82 -5.91 10.71
CA PRO A 122 5.39 -5.58 12.08
C PRO A 122 4.40 -4.42 12.06
N TRP A 123 3.44 -4.46 12.97
CA TRP A 123 2.37 -3.53 13.01
C TRP A 123 2.02 -3.20 14.43
N ARG A 124 1.81 -1.90 14.66
N ARG A 124 1.70 -1.94 14.64
CA ARG A 124 1.44 -1.38 15.97
CA ARG A 124 1.36 -1.46 15.95
C ARG A 124 0.00 -0.86 15.92
C ARG A 124 -0.01 -0.85 15.93
N CYS A 125 -0.77 -1.08 17.00
CA CYS A 125 -2.09 -0.54 17.11
C CYS A 125 -2.05 0.83 17.77
N GLY A 126 -3.21 1.44 17.82
CA GLY A 126 -3.40 2.66 18.59
C GLY A 126 -3.72 3.91 17.84
N ARG A 127 -3.92 3.82 16.53
CA ARG A 127 -4.44 4.95 15.75
C ARG A 127 -5.83 5.29 16.30
N VAL A 128 -6.12 6.56 16.38
CA VAL A 128 -7.39 7.03 16.98
C VAL A 128 -8.16 7.87 15.99
N ASP A 129 -9.44 7.54 15.77
CA ASP A 129 -10.23 8.26 14.79
C ASP A 129 -10.25 9.72 15.19
N THR A 130 -10.08 10.59 14.20
CA THR A 130 -10.14 12.05 14.44
C THR A 130 -11.30 12.61 13.61
N PRO A 131 -11.72 13.86 13.92
CA PRO A 131 -12.94 14.37 13.28
C PRO A 131 -12.81 14.76 11.84
N GLU A 132 -13.97 14.98 11.22
CA GLU A 132 -14.04 15.28 9.79
C GLU A 132 -13.19 16.47 9.40
N ASP A 133 -13.08 17.48 10.26
CA ASP A 133 -12.31 18.65 9.88
C ASP A 133 -10.80 18.41 9.89
N THR A 134 -10.35 17.24 10.34
CA THR A 134 -8.95 16.85 10.24
C THR A 134 -8.61 16.13 8.93
N THR A 135 -9.58 15.92 8.06
CA THR A 135 -9.35 15.22 6.81
C THR A 135 -8.46 16.06 5.92
N PRO A 136 -7.37 15.48 5.43
CA PRO A 136 -6.55 16.31 4.54
C PRO A 136 -7.23 16.56 3.23
N ASP A 137 -6.95 17.74 2.65
CA ASP A 137 -7.45 18.05 1.32
C ASP A 137 -6.90 17.08 0.27
N ASN A 138 -7.62 16.96 -0.81
CA ASN A 138 -7.21 16.19 -1.97
C ASN A 138 -5.90 16.79 -2.55
N GLY A 139 -5.12 15.95 -3.21
CA GLY A 139 -3.97 16.42 -3.98
C GLY A 139 -2.64 16.11 -3.33
N ARG A 140 -2.65 15.35 -2.23
CA ARG A 140 -1.40 14.98 -1.54
C ARG A 140 -0.81 13.66 -2.04
N LEU A 141 -1.55 12.89 -2.83
CA LEU A 141 -1.06 11.63 -3.34
C LEU A 141 -0.37 11.88 -4.71
N PRO A 142 0.53 10.99 -5.13
CA PRO A 142 1.40 11.36 -6.24
C PRO A 142 0.78 11.15 -7.63
N ASP A 143 1.22 11.97 -8.56
CA ASP A 143 0.93 11.79 -9.95
C ASP A 143 1.82 10.72 -10.58
N ALA A 144 1.30 10.03 -11.58
CA ALA A 144 1.99 8.91 -12.23
C ALA A 144 2.69 9.27 -13.53
N ASP A 145 2.46 10.50 -14.01
CA ASP A 145 2.94 10.88 -15.32
C ASP A 145 4.25 11.59 -15.31
N LYS A 146 4.95 11.53 -14.20
CA LYS A 146 6.10 12.36 -13.94
C LYS A 146 7.37 11.54 -13.94
N ASP A 147 8.49 12.19 -13.62
CA ASP A 147 9.83 11.62 -13.77
C ASP A 147 10.46 11.37 -12.41
N ALA A 148 11.69 10.93 -12.40
CA ALA A 148 12.36 10.51 -11.18
C ALA A 148 12.53 11.67 -10.21
N GLY A 149 12.83 12.86 -10.74
CA GLY A 149 12.99 14.00 -9.84
C GLY A 149 11.71 14.35 -9.10
N TYR A 150 10.57 14.19 -9.78
CA TYR A 150 9.29 14.36 -9.16
C TYR A 150 9.06 13.34 -8.04
N VAL A 151 9.30 12.09 -8.38
CA VAL A 151 9.14 10.99 -7.40
C VAL A 151 10.01 11.26 -6.17
N ARG A 152 11.29 11.61 -6.38
CA ARG A 152 12.20 11.84 -5.27
C ARG A 152 11.73 12.99 -4.36
N THR A 153 11.36 14.09 -4.99
CA THR A 153 10.86 15.24 -4.24
C THR A 153 9.57 14.93 -3.53
N PHE A 154 8.68 14.23 -4.24
CA PHE A 154 7.37 13.90 -3.69
C PHE A 154 7.57 13.15 -2.36
N PHE A 155 8.43 12.15 -2.40
CA PHE A 155 8.61 11.28 -1.25
C PHE A 155 9.41 11.87 -0.08
N GLN A 156 10.15 12.97 -0.31
CA GLN A 156 10.70 13.70 0.81
C GLN A 156 9.66 14.18 1.77
N ARG A 157 8.45 14.47 1.26
CA ARG A 157 7.37 14.93 2.15
C ARG A 157 6.96 13.87 3.16
N LEU A 158 7.13 12.60 2.77
CA LEU A 158 6.80 11.43 3.58
C LEU A 158 8.05 10.92 4.33
N ASN A 159 9.14 11.69 4.30
CA ASN A 159 10.40 11.33 4.91
C ASN A 159 10.93 10.01 4.42
N MET A 160 10.78 9.76 3.13
CA MET A 160 11.36 8.61 2.51
C MET A 160 12.53 8.94 1.59
N ASN A 161 13.58 8.13 1.72
CA ASN A 161 14.81 8.24 0.93
C ASN A 161 14.75 7.37 -0.34
N ASP A 162 15.83 7.40 -1.12
CA ASP A 162 15.82 6.63 -2.36
C ASP A 162 15.54 5.16 -2.17
N ARG A 163 16.21 4.54 -1.20
N ARG A 163 16.21 4.53 -1.21
CA ARG A 163 16.07 3.12 -0.94
CA ARG A 163 16.04 3.09 -0.99
C ARG A 163 14.63 2.80 -0.55
C ARG A 163 14.61 2.80 -0.56
N GLU A 164 14.06 3.66 0.29
CA GLU A 164 12.65 3.50 0.75
C GLU A 164 11.68 3.60 -0.37
N VAL A 165 11.87 4.57 -1.25
CA VAL A 165 11.00 4.77 -2.42
C VAL A 165 11.09 3.56 -3.35
N VAL A 166 12.30 3.12 -3.67
CA VAL A 166 12.43 2.02 -4.58
C VAL A 166 11.80 0.72 -4.01
N ALA A 167 12.06 0.46 -2.72
CA ALA A 167 11.50 -0.70 -2.01
C ALA A 167 9.97 -0.60 -2.07
N LEU A 168 9.42 0.53 -1.68
CA LEU A 168 7.94 0.66 -1.62
C LEU A 168 7.30 0.39 -3.01
N MET A 169 7.97 0.87 -4.08
CA MET A 169 7.38 0.77 -5.41
C MET A 169 7.29 -0.65 -5.89
N GLY A 170 8.01 -1.57 -5.23
CA GLY A 170 7.88 -3.00 -5.57
C GLY A 170 6.51 -3.55 -5.38
N ALA A 171 5.66 -2.87 -4.61
CA ALA A 171 4.26 -3.23 -4.58
C ALA A 171 3.55 -3.13 -5.95
N HIS A 172 4.15 -2.44 -6.91
CA HIS A 172 3.59 -2.32 -8.25
C HIS A 172 3.72 -3.59 -9.08
N ALA A 173 4.26 -4.64 -8.50
CA ALA A 173 4.10 -5.99 -9.08
C ALA A 173 2.69 -6.53 -8.86
N LEU A 174 1.98 -5.95 -7.93
CA LEU A 174 0.66 -6.46 -7.53
C LEU A 174 -0.47 -5.90 -8.38
N GLY A 175 -1.48 -6.73 -8.63
CA GLY A 175 -2.75 -6.27 -9.21
C GLY A 175 -2.53 -5.61 -10.55
N LYS A 176 -3.27 -4.56 -10.80
CA LYS A 176 -3.20 -3.91 -12.11
C LYS A 176 -3.63 -2.48 -12.01
N THR A 177 -3.37 -1.78 -13.12
CA THR A 177 -3.96 -0.51 -13.32
C THR A 177 -5.29 -0.67 -14.05
N HIS A 178 -6.20 0.23 -13.76
CA HIS A 178 -7.56 0.24 -14.34
C HIS A 178 -7.93 1.53 -14.97
N LEU A 179 -8.20 1.49 -16.28
CA LEU A 179 -8.36 2.76 -17.01
C LEU A 179 -9.37 3.71 -16.36
N LYS A 180 -10.49 3.15 -15.91
CA LYS A 180 -11.53 3.98 -15.29
C LYS A 180 -11.16 4.59 -13.96
N ASN A 181 -10.18 4.00 -13.25
CA ASN A 181 -9.78 4.55 -11.98
C ASN A 181 -8.76 5.65 -12.13
N SER A 182 -7.73 5.41 -12.94
CA SER A 182 -6.52 6.24 -12.93
C SER A 182 -6.09 6.75 -14.29
N GLY A 183 -6.73 6.29 -15.36
CA GLY A 183 -6.28 6.61 -16.72
C GLY A 183 -5.09 5.84 -17.20
N TYR A 184 -4.81 4.69 -16.56
CA TYR A 184 -3.77 3.73 -16.95
C TYR A 184 -4.36 2.36 -16.94
N GLU A 185 -3.91 1.52 -17.83
CA GLU A 185 -4.49 0.18 -17.97
C GLU A 185 -3.52 -0.93 -18.08
N GLY A 186 -3.79 -2.00 -17.31
CA GLY A 186 -3.02 -3.22 -17.50
C GLY A 186 -2.08 -3.64 -16.42
N GLY A 187 -1.29 -4.63 -16.76
CA GLY A 187 -0.30 -5.12 -15.83
C GLY A 187 -0.48 -6.56 -15.40
N GLY A 188 -1.62 -7.13 -15.78
CA GLY A 188 -1.91 -8.53 -15.57
C GLY A 188 -2.80 -8.77 -14.35
N ALA A 189 -2.47 -9.81 -13.57
CA ALA A 189 -3.35 -10.34 -12.54
C ALA A 189 -2.57 -10.94 -11.37
N ASN A 190 -1.38 -10.43 -11.08
CA ASN A 190 -0.59 -11.00 -10.01
CA ASN A 190 -0.59 -11.00 -10.01
C ASN A 190 -1.09 -10.69 -8.60
N ASN A 191 -1.12 -11.73 -7.76
CA ASN A 191 -1.51 -11.59 -6.36
C ASN A 191 -0.56 -12.34 -5.45
N VAL A 192 0.66 -12.55 -5.94
CA VAL A 192 1.73 -13.06 -5.14
C VAL A 192 2.81 -12.00 -5.00
N PHE A 193 3.20 -11.75 -3.75
CA PHE A 193 4.16 -10.67 -3.43
C PHE A 193 5.59 -11.22 -3.69
N THR A 194 6.22 -10.74 -4.74
CA THR A 194 7.58 -11.11 -5.11
C THR A 194 8.33 -9.85 -5.49
N ASN A 195 9.59 -10.02 -5.87
CA ASN A 195 10.43 -8.95 -6.40
C ASN A 195 10.34 -8.81 -7.91
N GLU A 196 9.26 -9.32 -8.51
CA GLU A 196 9.19 -9.32 -9.96
C GLU A 196 9.05 -7.93 -10.59
N PHE A 197 8.68 -6.89 -9.82
CA PHE A 197 8.60 -5.53 -10.39
C PHE A 197 9.97 -5.15 -10.94
N TYR A 198 11.01 -5.48 -10.16
CA TYR A 198 12.39 -5.09 -10.48
C TYR A 198 12.93 -5.92 -11.66
N LEU A 199 12.69 -7.22 -11.59
CA LEU A 199 13.02 -8.10 -12.69
C LEU A 199 12.35 -7.70 -13.99
N ASN A 200 11.09 -7.37 -13.93
CA ASN A 200 10.36 -6.96 -15.13
C ASN A 200 10.94 -5.64 -15.65
N LEU A 201 11.18 -4.69 -14.76
CA LEU A 201 11.74 -3.42 -15.23
C LEU A 201 13.03 -3.67 -16.03
N LEU A 202 13.93 -4.51 -15.48
CA LEU A 202 15.23 -4.72 -16.06
C LEU A 202 15.21 -5.63 -17.28
N ASN A 203 14.29 -6.57 -17.31
CA ASN A 203 14.37 -7.63 -18.33
C ASN A 203 13.39 -7.57 -19.48
N GLU A 204 12.29 -6.85 -19.36
CA GLU A 204 11.31 -6.74 -20.40
C GLU A 204 11.70 -5.70 -21.44
N ASP A 205 11.14 -5.90 -22.63
N ASP A 205 11.22 -5.91 -22.66
CA ASP A 205 11.29 -4.99 -23.78
CA ASP A 205 11.39 -4.91 -23.72
C ASP A 205 10.19 -3.93 -23.76
C ASP A 205 10.22 -3.96 -23.69
N TRP A 206 10.47 -2.76 -23.18
CA TRP A 206 9.39 -1.81 -22.94
C TRP A 206 9.19 -0.88 -24.08
N LYS A 207 7.93 -0.63 -24.41
N LYS A 207 7.93 -0.61 -24.38
CA LYS A 207 7.55 0.42 -25.37
CA LYS A 207 7.51 0.37 -25.42
C LYS A 207 6.69 1.47 -24.76
C LYS A 207 6.67 1.46 -24.80
N LEU A 208 6.98 2.72 -25.11
CA LEU A 208 6.24 3.87 -24.62
C LEU A 208 5.03 4.03 -25.53
N GLU A 209 3.85 3.73 -25.02
N GLU A 209 3.86 3.67 -25.05
CA GLU A 209 2.65 3.65 -25.86
CA GLU A 209 2.65 3.66 -25.89
C GLU A 209 1.61 4.53 -25.24
C GLU A 209 1.69 4.64 -25.28
N LYS A 210 0.61 4.95 -26.02
CA LYS A 210 -0.52 5.65 -25.49
C LYS A 210 -1.65 4.68 -25.25
N ASN A 211 -2.31 4.84 -24.11
CA ASN A 211 -3.41 4.01 -23.78
C ASN A 211 -4.71 4.62 -24.25
N ASP A 212 -5.82 3.94 -23.98
CA ASP A 212 -7.11 4.43 -24.47
C ASP A 212 -7.61 5.68 -23.78
N ALA A 213 -6.91 6.17 -22.77
CA ALA A 213 -7.26 7.40 -22.14
C ALA A 213 -6.34 8.52 -22.65
N ASN A 214 -5.55 8.21 -23.67
CA ASN A 214 -4.60 9.15 -24.25
C ASN A 214 -3.43 9.50 -23.32
N ASN A 215 -3.11 8.62 -22.37
CA ASN A 215 -1.96 8.78 -21.51
C ASN A 215 -0.84 7.82 -21.89
N GLU A 216 0.42 8.28 -21.77
CA GLU A 216 1.56 7.43 -22.03
C GLU A 216 1.81 6.45 -20.88
N GLN A 217 2.10 5.23 -21.24
CA GLN A 217 2.55 4.21 -20.29
C GLN A 217 3.50 3.28 -21.03
N TRP A 218 4.25 2.50 -20.28
CA TRP A 218 5.21 1.58 -20.82
C TRP A 218 4.64 0.19 -20.82
N ASP A 219 4.66 -0.46 -21.98
CA ASP A 219 4.03 -1.75 -22.11
C ASP A 219 5.05 -2.73 -22.69
N SER A 220 4.91 -4.01 -22.31
CA SER A 220 5.71 -5.05 -22.97
C SER A 220 4.76 -6.07 -23.62
N LYS A 221 5.25 -6.76 -24.62
CA LYS A 221 4.42 -7.76 -25.33
C LYS A 221 3.98 -8.92 -24.48
N SER A 222 4.74 -9.19 -23.41
CA SER A 222 4.32 -10.18 -22.43
C SER A 222 3.13 -9.79 -21.60
N GLY A 223 2.68 -8.53 -21.67
CA GLY A 223 1.48 -8.10 -20.93
C GLY A 223 1.79 -7.28 -19.66
N TYR A 224 3.08 -7.00 -19.41
CA TYR A 224 3.46 -6.19 -18.23
C TYR A 224 3.31 -4.73 -18.58
N MET A 225 3.23 -3.90 -17.55
N MET A 225 3.10 -3.88 -17.59
CA MET A 225 2.94 -2.50 -17.72
CA MET A 225 3.05 -2.45 -17.84
C MET A 225 3.65 -1.73 -16.62
C MET A 225 3.64 -1.75 -16.66
N MET A 226 4.18 -0.57 -16.97
CA MET A 226 4.84 0.33 -16.03
C MET A 226 4.33 1.74 -16.27
N LEU A 227 4.05 2.40 -15.15
CA LEU A 227 3.75 3.82 -15.20
C LEU A 227 5.02 4.60 -15.53
N PRO A 228 4.87 5.82 -16.01
CA PRO A 228 6.07 6.66 -16.15
C PRO A 228 6.89 6.79 -14.91
N THR A 229 6.25 6.93 -13.76
CA THR A 229 6.97 7.00 -12.50
C THR A 229 7.66 5.71 -12.14
N ASP A 230 7.10 4.56 -12.54
CA ASP A 230 7.82 3.30 -12.36
C ASP A 230 9.06 3.25 -13.21
N TYR A 231 8.89 3.59 -14.49
CA TYR A 231 9.99 3.50 -15.43
C TYR A 231 11.09 4.46 -15.08
N SER A 232 10.74 5.53 -14.36
CA SER A 232 11.75 6.51 -13.96
C SER A 232 12.79 5.87 -13.02
N LEU A 233 12.42 4.77 -12.36
CA LEU A 233 13.38 4.12 -11.47
C LEU A 233 14.52 3.46 -12.19
N ILE A 234 14.37 3.23 -13.48
CA ILE A 234 15.50 2.75 -14.29
C ILE A 234 16.10 3.85 -15.17
N GLN A 235 15.52 5.05 -15.16
CA GLN A 235 16.10 6.19 -15.86
C GLN A 235 17.09 6.96 -15.00
N ASP A 236 16.89 6.94 -13.71
CA ASP A 236 17.70 7.71 -12.76
C ASP A 236 18.77 6.79 -12.26
N PRO A 237 20.05 7.21 -12.27
CA PRO A 237 21.08 6.22 -11.93
C PRO A 237 21.10 5.75 -10.50
N LYS A 238 20.66 6.57 -9.57
CA LYS A 238 20.64 6.17 -8.18
C LYS A 238 19.51 5.16 -7.94
N TYR A 239 18.34 5.42 -8.50
CA TYR A 239 17.29 4.45 -8.40
C TYR A 239 17.68 3.15 -9.10
N LEU A 240 18.35 3.23 -10.26
CA LEU A 240 18.64 2.03 -11.05
C LEU A 240 19.48 1.06 -10.24
N SER A 241 20.45 1.58 -9.48
CA SER A 241 21.34 0.74 -8.67
C SER A 241 20.52 -0.11 -7.72
N ILE A 242 19.56 0.54 -7.11
CA ILE A 242 18.68 -0.07 -6.12
C ILE A 242 17.73 -1.09 -6.76
N VAL A 243 17.17 -0.74 -7.91
CA VAL A 243 16.33 -1.68 -8.69
C VAL A 243 17.14 -2.96 -8.96
N LYS A 244 18.40 -2.81 -9.39
CA LYS A 244 19.24 -3.98 -9.64
C LYS A 244 19.55 -4.81 -8.39
N GLU A 245 19.71 -4.13 -7.25
CA GLU A 245 19.93 -4.81 -5.98
C GLU A 245 18.74 -5.68 -5.64
N TYR A 246 17.55 -5.10 -5.75
CA TYR A 246 16.35 -5.88 -5.38
C TYR A 246 16.00 -6.97 -6.39
N ALA A 247 16.35 -6.73 -7.66
CA ALA A 247 16.14 -7.74 -8.70
C ALA A 247 17.02 -8.98 -8.45
N ASN A 248 18.12 -8.79 -7.72
CA ASN A 248 19.09 -9.81 -7.47
C ASN A 248 19.08 -10.37 -6.08
N ASP A 249 18.14 -9.92 -5.24
CA ASP A 249 18.18 -10.35 -3.89
C ASP A 249 16.76 -10.24 -3.31
N GLN A 250 15.99 -11.32 -3.45
CA GLN A 250 14.58 -11.33 -2.98
C GLN A 250 14.48 -11.04 -1.48
N ASP A 251 15.36 -11.62 -0.70
CA ASP A 251 15.31 -11.45 0.75
C ASP A 251 15.55 -10.02 1.13
N LYS A 252 16.54 -9.41 0.48
CA LYS A 252 16.84 -8.01 0.79
C LYS A 252 15.61 -7.09 0.46
N PHE A 253 15.02 -7.29 -0.69
CA PHE A 253 13.80 -6.59 -1.03
C PHE A 253 12.75 -6.78 0.07
N PHE A 254 12.47 -8.02 0.43
CA PHE A 254 11.49 -8.28 1.48
C PHE A 254 11.77 -7.49 2.74
N LYS A 255 13.02 -7.54 3.21
CA LYS A 255 13.39 -6.86 4.44
C LYS A 255 13.27 -5.35 4.37
N ASP A 256 13.69 -4.78 3.26
CA ASP A 256 13.61 -3.33 3.05
C ASP A 256 12.17 -2.87 2.83
N PHE A 257 11.38 -3.67 2.07
CA PHE A 257 9.99 -3.35 1.92
C PHE A 257 9.27 -3.35 3.27
N SER A 258 9.55 -4.35 4.09
CA SER A 258 8.88 -4.48 5.35
C SER A 258 9.16 -3.25 6.22
N LYS A 259 10.42 -2.83 6.25
CA LYS A 259 10.76 -1.63 7.05
C LYS A 259 10.10 -0.36 6.52
N ALA A 260 10.14 -0.16 5.21
CA ALA A 260 9.62 1.05 4.61
C ALA A 260 8.12 1.07 4.76
N PHE A 261 7.47 -0.07 4.61
CA PHE A 261 6.02 -0.11 4.68
C PHE A 261 5.55 0.08 6.11
N GLU A 262 6.20 -0.53 7.08
CA GLU A 262 5.86 -0.28 8.46
C GLU A 262 6.00 1.23 8.74
N LYS A 263 7.10 1.79 8.25
CA LYS A 263 7.34 3.21 8.51
C LYS A 263 6.28 4.09 7.89
N LEU A 264 5.91 3.78 6.67
CA LEU A 264 4.89 4.51 5.96
C LEU A 264 3.60 4.51 6.78
N LEU A 265 3.22 3.33 7.27
CA LEU A 265 1.96 3.17 7.98
C LEU A 265 1.97 3.81 9.38
N GLU A 266 3.17 4.12 9.88
CA GLU A 266 3.32 4.70 11.21
C GLU A 266 3.71 6.18 11.21
N ASN A 267 3.98 6.77 10.05
CA ASN A 267 4.40 8.17 9.96
C ASN A 267 3.30 8.99 10.64
N GLY A 268 3.75 9.94 11.46
CA GLY A 268 2.87 10.87 12.13
C GLY A 268 2.44 10.42 13.51
N ILE A 269 2.74 9.19 13.89
CA ILE A 269 2.24 8.65 15.15
C ILE A 269 3.32 8.69 16.19
N THR A 270 3.00 9.23 17.37
CA THR A 270 3.88 9.13 18.53
C THR A 270 3.49 7.95 19.36
N PHE A 271 4.38 6.98 19.51
CA PHE A 271 4.14 5.80 20.35
C PHE A 271 4.72 6.08 21.74
N PRO A 272 3.87 6.04 22.78
CA PRO A 272 4.42 6.17 24.15
C PRO A 272 5.46 5.13 24.46
N LYS A 273 6.40 5.49 25.34
CA LYS A 273 7.52 4.59 25.64
C LYS A 273 7.09 3.23 26.16
N ASP A 274 5.94 3.19 26.82
CA ASP A 274 5.36 1.95 27.34
C ASP A 274 4.23 1.38 26.44
N ALA A 275 4.21 1.79 25.16
CA ALA A 275 3.31 1.15 24.18
C ALA A 275 3.74 -0.30 23.96
N PRO A 276 2.80 -1.20 23.61
CA PRO A 276 3.26 -2.55 23.26
C PRO A 276 4.28 -2.52 22.09
N SER A 277 5.11 -3.53 22.04
CA SER A 277 6.01 -3.73 20.93
C SER A 277 5.16 -4.06 19.71
N PRO A 278 5.73 -3.88 18.52
CA PRO A 278 4.98 -4.18 17.29
C PRO A 278 4.62 -5.63 17.28
N PHE A 279 3.46 -5.90 16.73
CA PHE A 279 2.97 -7.23 16.62
C PHE A 279 3.43 -7.81 15.29
N ILE A 280 3.74 -9.11 15.27
CA ILE A 280 4.01 -9.85 14.03
C ILE A 280 2.99 -10.96 13.95
N PHE A 281 2.01 -10.75 13.08
CA PHE A 281 0.92 -11.68 12.93
C PHE A 281 1.29 -12.92 12.14
N LYS A 282 0.76 -14.04 12.61
CA LYS A 282 0.90 -15.30 11.89
C LYS A 282 -0.02 -15.31 10.70
N THR A 283 0.41 -15.88 9.58
CA THR A 283 -0.48 -16.08 8.46
C THR A 283 -1.50 -17.21 8.74
N LEU A 284 -2.56 -17.27 7.97
CA LEU A 284 -3.50 -18.42 8.08
C LEU A 284 -2.73 -19.70 7.90
N GLU A 285 -1.85 -19.70 6.91
CA GLU A 285 -1.02 -20.90 6.62
C GLU A 285 -0.21 -21.33 7.82
N GLU A 286 0.41 -20.35 8.49
CA GLU A 286 1.22 -20.65 9.67
C GLU A 286 0.36 -21.19 10.82
N GLN A 287 -0.90 -20.82 10.87
CA GLN A 287 -1.79 -21.27 11.92
C GLN A 287 -2.50 -22.55 11.58
N GLY A 288 -2.35 -23.02 10.35
CA GLY A 288 -3.13 -24.21 9.91
C GLY A 288 -4.59 -23.94 9.64
N LEU A 289 -4.92 -22.69 9.32
CA LEU A 289 -6.27 -22.26 9.13
C LEU A 289 -6.55 -22.06 7.65
CHA HEM B . -1.93 0.84 -8.31
CHB HEM B . 0.32 5.18 -8.95
CHC HEM B . 3.14 4.19 -5.20
CHD HEM B . 0.65 0.15 -4.31
C1A HEM B . -1.59 2.16 -8.76
C2A HEM B . -2.24 2.78 -9.90
C3A HEM B . -1.64 4.05 -10.07
C4A HEM B . -0.56 4.07 -9.05
CMA HEM B . -1.97 5.08 -11.10
CAA HEM B . -3.43 2.20 -10.63
CBA HEM B . -4.69 2.46 -9.82
CGA HEM B . -5.89 1.89 -10.60
O1A HEM B . -6.05 2.26 -11.78
O2A HEM B . -6.66 1.06 -10.05
C1B HEM B . 1.34 5.26 -7.98
C2B HEM B . 2.28 6.36 -7.98
C3B HEM B . 3.10 6.08 -6.88
C4B HEM B . 2.60 4.80 -6.35
CMB HEM B . 2.32 7.52 -8.93
CAB HEM B . 4.28 6.80 -6.40
CBB HEM B . 5.01 7.52 -7.24
C1C HEM B . 2.69 3.06 -4.54
C2C HEM B . 3.19 2.61 -3.24
C3C HEM B . 2.41 1.43 -2.98
C4C HEM B . 1.49 1.27 -4.12
CMC HEM B . 4.21 3.30 -2.44
CAC HEM B . 2.49 0.49 -1.82
CBC HEM B . 3.57 0.24 -1.11
C1D HEM B . -0.21 -0.02 -5.42
C2D HEM B . -0.97 -1.25 -5.52
C3D HEM B . -1.73 -1.06 -6.72
C4D HEM B . -1.34 0.25 -7.17
CMD HEM B . -0.89 -2.45 -4.62
CAD HEM B . -2.72 -2.03 -7.37
CBD HEM B . -4.11 -1.85 -6.89
CGD HEM B . -5.09 -2.74 -7.63
O1D HEM B . -6.33 -2.52 -7.47
O2D HEM B . -4.71 -3.72 -8.26
NA HEM B . -0.51 2.89 -8.27
NB HEM B . 1.49 4.38 -6.98
NC HEM B . 1.71 2.20 -5.12
ND HEM B . -0.46 0.89 -6.38
FE HEM B . 0.57 2.61 -6.68
C01 1LX C . 0.57 -0.19 -10.31
C02 1LX C . 1.52 0.12 -11.23
C03 1LX C . 1.93 -0.84 -12.09
N04 1LX C . 1.40 -2.09 -12.03
C05 1LX C . 1.63 -3.19 -12.84
C06 1LX C . 0.82 -4.20 -12.29
N07 1LX C . 0.18 -3.72 -11.24
C08 1LX C . 0.49 -2.42 -11.11
C09 1LX C . 0.04 -1.45 -10.19
N10 1LX C . 2.92 -0.62 -13.06
#